data_8HZK
#
_entry.id   8HZK
#
_cell.length_a   74.893
_cell.length_b   44.022
_cell.length_c   58.304
_cell.angle_alpha   90.00
_cell.angle_beta   112.94
_cell.angle_gamma   90.00
#
_symmetry.space_group_name_H-M   'C 1 2 1'
#
loop_
_entity.id
_entity.type
_entity.pdbx_description
1 polymer 'RNA (36-MER)'
2 non-polymer 'IRIDIUM HEXAMMINE ION'
3 non-polymer 'MAGNESIUM ION'
4 non-polymer DI(HYDROXYETHYL)ETHER
5 non-polymer (5~{Z})-5-[[4-[2-hydroxyethyl(methyl)amino]phenyl]methylidene]-3-methyl-2-[(~{E})-2-phenylethenyl]imidazol-4-one
6 water water
#
_entity_poly.entity_id   1
_entity_poly.type   'polyribonucleotide'
_entity_poly.pdbx_seq_one_letter_code
;GGAAGAUUGUAAACAUGCCGAAAGGCAGACACUUCC
;
_entity_poly.pdbx_strand_id   A,B
#
loop_
_chem_comp.id
_chem_comp.type
_chem_comp.name
_chem_comp.formula
A RNA linking ADENOSINE-5'-MONOPHOSPHATE 'C10 H14 N5 O7 P'
C RNA linking CYTIDINE-5'-MONOPHOSPHATE 'C9 H14 N3 O8 P'
G RNA linking GUANOSINE-5'-MONOPHOSPHATE 'C10 H14 N5 O8 P'
IRI non-polymer 'IRIDIUM HEXAMMINE ION' 'H18 Ir N6 3'
MG non-polymer 'MAGNESIUM ION' 'Mg 2'
NI4 non-polymer (5~{Z})-5-[[4-[2-hydroxyethyl(methyl)amino]phenyl]methylidene]-3-methyl-2-[(~{E})-2-phenylethenyl]imidazol-4-one 'C22 H23 N3 O2'
PEG non-polymer DI(HYDROXYETHYL)ETHER 'C4 H10 O3'
U RNA linking URIDINE-5'-MONOPHOSPHATE 'C9 H13 N2 O9 P'
#
# COMPACT_ATOMS: atom_id res chain seq x y z
IR IRI C . -0.41 -11.60 17.80
N1 IRI C . -2.39 -12.46 18.40
N2 IRI C . -0.97 -11.67 15.63
N3 IRI C . 1.58 -10.78 17.17
N4 IRI C . 0.18 -11.57 19.97
N5 IRI C . -1.19 -9.49 17.89
N6 IRI C . 0.41 -13.68 17.67
IR IRI D . 1.51 -2.62 22.42
N1 IRI D . 1.24 -4.76 21.85
N2 IRI D . 0.50 -1.99 20.52
N3 IRI D . 1.73 -0.45 23.03
N4 IRI D . 2.60 -3.28 24.28
N5 IRI D . -0.45 -2.82 23.46
N6 IRI D . 3.52 -2.53 21.45
IR IRI E . 4.99 -1.33 9.87
N1 IRI E . 4.77 -3.56 9.96
N2 IRI E . 2.93 -1.05 9.11
N3 IRI E . 5.24 0.90 9.79
N4 IRI E . 7.08 -1.55 10.62
N5 IRI E . 4.23 -1.22 11.98
N6 IRI E . 5.72 -1.44 7.76
IR IRI F . -13.78 9.66 14.55
N1 IRI F . -15.41 8.26 15.15
N2 IRI F . -14.08 9.16 12.41
N3 IRI F . -12.12 11.08 14.04
N4 IRI F . -13.38 10.12 16.70
N5 IRI F . -15.17 11.39 14.29
N6 IRI F . -12.38 7.94 14.78
IR IRI G . -18.46 7.99 7.69
N1 IRI G . -20.30 7.67 6.42
N2 IRI G . -18.51 10.19 7.19
N3 IRI G . -16.58 8.34 8.90
N4 IRI G . -18.40 5.79 8.20
N5 IRI G . -19.71 8.36 9.52
N6 IRI G . -17.13 7.57 5.91
IR IRI H . -9.55 5.73 29.24
N1 IRI H . -11.74 5.88 28.69
N2 IRI H . -8.97 6.68 27.27
N3 IRI H . -7.36 5.62 29.74
N4 IRI H . -10.16 4.81 31.20
N5 IRI H . -9.72 7.77 30.20
N6 IRI H . -9.43 3.70 28.24
IR IRI I . -4.01 9.92 24.40
N1 IRI I . -5.69 8.59 23.67
N2 IRI I . -3.96 11.05 22.45
N3 IRI I . -2.34 11.22 25.21
N4 IRI I . -3.98 8.83 26.38
N5 IRI I . -5.56 11.35 25.23
N6 IRI I . -2.47 8.52 23.56
IR IRI J . 10.67 -6.12 13.40
N1 IRI J . 9.07 -7.21 12.24
N2 IRI J . 11.29 -5.08 11.48
N3 IRI J . 12.26 -5.01 14.58
N4 IRI J . 9.98 -7.15 15.30
N5 IRI J . 9.27 -4.39 13.79
N6 IRI J . 12.10 -7.80 12.97
IR IRI K . -8.77 6.89 -7.90
N1 IRI K . -10.54 7.10 -9.30
N2 IRI K . -7.51 8.21 -9.24
N3 IRI K . -7.02 6.69 -6.49
N4 IRI K . -10.01 5.56 -6.56
N5 IRI K . -9.45 8.70 -6.73
N6 IRI K . -8.10 5.06 -9.04
MG MG L . -10.63 2.65 -1.17
MG MG M . 3.69 -6.80 28.20
MG MG N . 4.23 5.41 14.67
MG MG O . -4.49 -4.51 6.02
MG MG P . -18.16 7.39 4.41
C1 PEG Q . -12.41 -5.61 4.01
O1 PEG Q . -13.38 -6.35 4.76
C2 PEG Q . -11.65 -4.76 4.99
O2 PEG Q . -10.26 -4.88 4.81
C3 PEG Q . -9.60 -3.77 5.43
C4 PEG Q . -8.26 -3.56 4.74
O4 PEG Q . -7.45 -4.74 4.88
C17 NI4 R . -7.91 9.74 13.44
C20 NI4 R . -6.24 11.94 13.98
C21 NI4 R . -7.60 12.11 13.80
C22 NI4 R . -8.42 11.02 13.53
C24 NI4 R . -5.97 14.37 14.46
C01 NI4 R . -4.70 2.06 12.30
C02 NI4 R . -4.35 3.34 12.71
C03 NI4 R . -3.02 3.62 12.96
C04 NI4 R . -2.06 2.64 12.82
C05 NI4 R . -2.42 1.36 12.41
C06 NI4 R . -3.74 1.07 12.16
C07 NI4 R . -5.39 4.37 12.83
C08 NI4 R . -6.65 4.26 12.47
C09 NI4 R . -7.63 5.32 12.61
N10 NI4 R . -7.35 6.59 12.86
C11 NI4 R . -8.55 7.28 12.93
C12 NI4 R . -9.64 6.32 12.70
N13 NI4 R . -8.99 5.11 12.50
C14 NI4 R . -9.63 3.84 12.23
O15 NI4 R . -10.87 6.51 12.66
C16 NI4 R . -8.80 8.60 13.15
C18 NI4 R . -6.54 9.56 13.61
C19 NI4 R . -5.71 10.65 13.89
N23 NI4 R . -5.43 13.03 14.27
C25 NI4 R . -6.04 14.79 15.94
O26 NI4 R . -7.38 14.94 16.39
C27 NI4 R . -3.99 12.86 14.46
IR IRI S . -1.46 2.90 -16.70
N1 IRI S . -3.49 1.91 -16.63
N2 IRI S . -1.35 2.32 -18.87
N3 IRI S . 0.55 3.91 -16.86
N4 IRI S . -1.55 3.47 -14.52
N5 IRI S . -2.43 4.86 -17.23
N6 IRI S . -0.51 0.93 -16.15
IR IRI T . 13.98 -6.00 -36.15
N1 IRI T . 13.48 -7.41 -37.84
N2 IRI T . 13.56 -4.22 -37.45
N3 IRI T . 14.46 -4.63 -34.43
N4 IRI T . 14.41 -7.83 -34.89
N5 IRI T . 11.83 -5.98 -35.45
N6 IRI T . 16.12 -6.01 -36.84
IR IRI U . 14.05 -5.47 -2.25
N1 IRI U . 12.78 -7.18 -3.04
N2 IRI U . 14.92 -5.07 -4.29
N3 IRI U . 15.21 -3.71 -1.44
N4 IRI U . 13.22 -5.86 -0.18
N5 IRI U . 12.32 -4.14 -2.79
N6 IRI U . 15.80 -6.81 -1.77
IR IRI V . -3.71 -2.97 -29.53
N1 IRI V . -5.82 -3.00 -30.34
N2 IRI V . -3.05 -1.81 -31.35
N3 IRI V . -1.59 -2.92 -28.79
N4 IRI V . -4.44 -4.10 -27.74
N5 IRI V . -4.10 -1.03 -28.44
N6 IRI V . -3.38 -4.90 -30.62
IR IRI W . 5.15 -19.47 -16.14
N1 IRI W . 4.51 -19.89 -18.27
N2 IRI W . 5.88 -17.42 -16.70
N3 IRI W . 5.79 -19.07 -14.03
N4 IRI W . 4.41 -21.51 -15.56
N5 IRI W . 3.11 -18.58 -15.77
N6 IRI W . 7.19 -20.37 -16.54
MG MG X . 1.99 -7.79 -38.38
MG MG Y . 5.17 5.41 -6.10
MG MG Z . 9.77 -10.26 -5.38
C1 PEG AA . 3.53 -7.33 -13.32
O1 PEG AA . 3.86 -8.48 -12.56
C2 PEG AA . 2.21 -6.85 -12.77
O2 PEG AA . 1.98 -5.54 -13.28
C3 PEG AA . 2.05 -4.63 -12.21
C4 PEG AA . 1.49 -3.39 -12.85
O4 PEG AA . 0.30 -3.92 -13.41
C17 NI4 BA . 14.31 -1.20 -19.40
C20 NI4 BA . 14.60 1.55 -19.61
C21 NI4 BA . 15.72 0.76 -19.40
C22 NI4 BA . 15.57 -0.62 -19.30
C24 NI4 BA . 13.52 3.73 -19.98
C01 NI4 BA . 6.70 -1.51 -19.06
C02 NI4 BA . 7.30 -2.75 -18.85
C03 NI4 BA . 6.51 -3.83 -18.51
C04 NI4 BA . 5.13 -3.65 -18.39
C05 NI4 BA . 4.55 -2.41 -18.59
C06 NI4 BA . 5.33 -1.33 -18.93
C07 NI4 BA . 8.75 -2.90 -18.99
C08 NI4 BA . 9.49 -3.90 -18.57
C09 NI4 BA . 10.92 -3.95 -18.73
N10 NI4 BA . 11.66 -2.88 -18.97
C11 NI4 BA . 12.97 -3.31 -19.06
C12 NI4 BA . 13.01 -4.78 -18.87
N13 NI4 BA . 11.67 -5.10 -18.69
C14 NI4 BA . 11.20 -6.43 -18.44
O15 NI4 BA . 13.97 -5.55 -18.89
C16 NI4 BA . 14.12 -2.63 -19.28
C18 NI4 BA . 13.20 -0.40 -19.59
C19 NI4 BA . 13.35 0.97 -19.70
N23 NI4 BA . 14.70 2.92 -19.73
C25 NI4 BA . 13.29 3.85 -21.48
O26 NI4 BA . 11.92 4.09 -21.73
C27 NI4 BA . 15.99 3.60 -19.65
#